data_4DS6
#
_entry.id   4DS6
#
_cell.length_a   89.880
_cell.length_b   95.310
_cell.length_c   226.173
_cell.angle_alpha   90.00
_cell.angle_beta   90.00
_cell.angle_gamma   90.00
#
_symmetry.space_group_name_H-M   'P 21 21 21'
#
loop_
_entity.id
_entity.type
_entity.pdbx_description
1 polymer 'Mutant Group IIC Intron'
2 non-polymer 'MAGNESIUM ION'
3 water water
#
_entity_poly.entity_id   1
_entity_poly.type   'polyribonucleotide'
_entity_poly.pdbx_seq_one_letter_code
;GGGUUAUGUGUGCCCGGCAUGGGUGCAGUCUAUAGGGUGAGAGUCCCGAACUGUGAAGGCAGAAGUAACAGUUAGCCUAA
CGCAAGGGUGUCCGUGGCGACAUGGAAUCUGAAGGAAGCGGACGGCAAACCUUCGGUCUGAGGAACACGAACUUCAUAUG
AGGCUAGGUAUCAAUGGAUGAGUUUGCAUAACAAAACAAAGUCCUUUCUGCCAAAGUUGGUACAGAGUAAAUGAAGCAGA
UUGAUGAAGGGAAAGACUGCAUUCUUACCCGGGGAGGUCUGGAAACAGAAGUCAGCAGAAGUCAUAGUACCCUGUUCGCA
GGGGAAGGACGGAACAAGUAUGGCGUUCGCGCCUAAGCUUGAACCACCGUAUACCGAACGGUACGUACGGUGGUGUGAGA
GGAGUUCGCUCUACUCUAUUAG
;
_entity_poly.pdbx_strand_id   A
#
loop_
_chem_comp.id
_chem_comp.type
_chem_comp.name
_chem_comp.formula
A RNA linking ADENOSINE-5'-MONOPHOSPHATE 'C10 H14 N5 O7 P'
C RNA linking CYTIDINE-5'-MONOPHOSPHATE 'C9 H14 N3 O8 P'
G RNA linking GUANOSINE-5'-MONOPHOSPHATE 'C10 H14 N5 O8 P'
MG non-polymer 'MAGNESIUM ION' 'Mg 2'
U RNA linking URIDINE-5'-MONOPHOSPHATE 'C9 H13 N2 O9 P'
#
# COMPACT_ATOMS: atom_id res chain seq x y z
MG MG B . -31.53 25.01 14.26
MG MG C . -30.74 5.53 -10.32
MG MG D . 41.11 10.22 -28.25
MG MG E . -29.39 -9.81 3.41
MG MG F . -11.27 17.22 -12.56
MG MG G . 16.75 -5.32 13.08
MG MG H . -11.02 -4.42 -1.24
MG MG I . 5.58 -28.83 10.91
MG MG J . -5.73 -6.37 19.93
MG MG K . -0.10 13.57 -26.25
MG MG L . 4.61 -27.17 -9.08
MG MG M . 55.20 18.51 -10.02
MG MG N . -21.83 -32.30 3.27
MG MG O . -5.33 1.55 -3.84
MG MG P . 31.57 -7.22 32.42
MG MG Q . -7.90 29.83 4.29
#